data_6Y8D
#
_entry.id   6Y8D
#
_cell.length_a   82.575
_cell.length_b   112.713
_cell.length_c   62.661
_cell.angle_alpha   90.000
_cell.angle_beta   90.000
_cell.angle_gamma   90.000
#
_symmetry.space_group_name_H-M   'C 2 2 21'
#
loop_
_entity.id
_entity.type
_entity.pdbx_description
1 polymer '14-3-3 protein sigma'
2 polymer VAL-GLU-HIS-SEP-LEU-ASP-ASN-LYS
3 non-polymer 'MAGNESIUM ION'
4 non-polymer 'CHLORIDE ION'
5 water water
#
loop_
_entity_poly.entity_id
_entity_poly.type
_entity_poly.pdbx_seq_one_letter_code
_entity_poly.pdbx_strand_id
1 'polypeptide(L)'
;GAMGSMERASLIQKAKLAEQAERYEDMAAFMKGAVEKGEELS(CSO)EERNLLSVAYKNVVGGQRAAWRVLSSIEQKSNE
EGSEEKGPEVREYREKVETELQGVCDTVLGLLDSHLIKEAGDAESRVFYLKMKGDYYRYLAEVATGDDKKRIIDSARSAY
QEAMDISKKEMPPTNPIRLGLALNFSVFHYEIANSPEEAISLAKTTFDEAMADLHTLSEDSYKDSTLIMQLLRDNLTLWT
ADNAGEEGGEAPQEPQS
;
A
2 'polypeptide(L)' VEH(SEP)LDNK B
#
loop_
_chem_comp.id
_chem_comp.type
_chem_comp.name
_chem_comp.formula
CL non-polymer 'CHLORIDE ION' 'Cl -1'
MG non-polymer 'MAGNESIUM ION' 'Mg 2'
#
# COMPACT_ATOMS: atom_id res chain seq x y z
N GLY A 1 18.93 8.79 -14.11
CA GLY A 1 18.73 8.78 -12.68
C GLY A 1 19.97 9.18 -11.90
N ALA A 2 19.76 9.94 -10.81
CA ALA A 2 20.88 10.42 -10.00
C ALA A 2 21.59 9.29 -9.26
N MET A 3 20.97 8.12 -9.12
CA MET A 3 21.61 6.97 -8.50
C MET A 3 22.26 6.04 -9.51
N GLY A 4 22.29 6.41 -10.79
CA GLY A 4 22.80 5.52 -11.81
C GLY A 4 24.27 5.16 -11.64
N SER A 5 25.04 6.00 -10.96
CA SER A 5 26.46 5.73 -10.80
CA SER A 5 26.46 5.75 -10.80
C SER A 5 26.79 4.97 -9.53
N MET A 6 25.81 4.68 -8.68
CA MET A 6 26.07 3.97 -7.44
C MET A 6 25.78 2.48 -7.58
N GLU A 7 26.65 1.66 -6.99
CA GLU A 7 26.48 0.22 -6.99
C GLU A 7 25.15 -0.19 -6.37
N ARG A 8 24.52 -1.22 -6.95
CA ARG A 8 23.28 -1.75 -6.39
C ARG A 8 23.46 -2.07 -4.90
N ALA A 9 24.52 -2.78 -4.54
CA ALA A 9 24.70 -3.16 -3.14
C ALA A 9 24.86 -1.94 -2.24
N SER A 10 25.50 -0.89 -2.75
CA SER A 10 25.67 0.33 -1.97
C SER A 10 24.34 1.06 -1.78
N LEU A 11 23.48 1.03 -2.80
CA LEU A 11 22.15 1.61 -2.68
C LEU A 11 21.34 0.89 -1.61
N ILE A 12 21.41 -0.44 -1.59
CA ILE A 12 20.68 -1.20 -0.58
CA ILE A 12 20.68 -1.20 -0.58
C ILE A 12 21.23 -0.91 0.81
N GLN A 13 22.57 -0.89 0.95
CA GLN A 13 23.17 -0.56 2.24
C GLN A 13 22.73 0.82 2.72
N LYS A 14 22.74 1.81 1.82
CA LYS A 14 22.34 3.15 2.22
C LYS A 14 20.85 3.25 2.49
N ALA A 15 20.01 2.47 1.80
CA ALA A 15 18.59 2.45 2.17
C ALA A 15 18.41 1.99 3.61
N LYS A 16 19.19 0.99 4.03
CA LYS A 16 19.08 0.51 5.41
C LYS A 16 19.56 1.55 6.41
N LEU A 17 20.64 2.26 6.06
CA LEU A 17 21.10 3.36 6.91
C LEU A 17 20.05 4.46 7.00
N ALA A 18 19.46 4.82 5.86
CA ALA A 18 18.44 5.86 5.84
C ALA A 18 17.25 5.47 6.70
N GLU A 19 16.85 4.20 6.68
CA GLU A 19 15.77 3.76 7.55
C GLU A 19 16.14 3.99 9.02
N GLN A 20 17.36 3.60 9.42
CA GLN A 20 17.78 3.81 10.80
C GLN A 20 17.77 5.27 11.18
N ALA A 21 18.10 6.16 10.24
CA ALA A 21 18.13 7.59 10.46
C ALA A 21 16.77 8.26 10.27
N GLU A 22 15.73 7.47 9.94
CA GLU A 22 14.38 7.99 9.68
C GLU A 22 14.39 9.02 8.54
N ARG A 23 15.25 8.77 7.55
CA ARG A 23 15.37 9.62 6.37
C ARG A 23 14.68 8.91 5.22
N TYR A 24 13.35 8.97 5.21
CA TYR A 24 12.60 8.09 4.32
C TYR A 24 12.59 8.56 2.87
N GLU A 25 12.66 9.88 2.64
CA GLU A 25 12.82 10.36 1.27
C GLU A 25 14.13 9.84 0.66
N ASP A 26 15.22 9.91 1.42
CA ASP A 26 16.48 9.31 0.96
C ASP A 26 16.31 7.82 0.73
N MET A 27 15.67 7.13 1.68
CA MET A 27 15.49 5.69 1.57
C MET A 27 14.77 5.33 0.30
N ALA A 28 13.71 6.08 -0.04
CA ALA A 28 12.95 5.82 -1.26
C ALA A 28 13.81 6.08 -2.50
N ALA A 29 14.60 7.15 -2.50
CA ALA A 29 15.45 7.42 -3.65
C ALA A 29 16.48 6.32 -3.84
N PHE A 30 17.06 5.83 -2.74
CA PHE A 30 18.01 4.73 -2.84
C PHE A 30 17.34 3.48 -3.40
N MET A 31 16.14 3.16 -2.90
CA MET A 31 15.47 1.95 -3.37
C MET A 31 14.98 2.09 -4.81
N LYS A 32 14.54 3.28 -5.22
CA LYS A 32 14.25 3.52 -6.62
C LYS A 32 15.49 3.27 -7.48
N GLY A 33 16.64 3.80 -7.05
CA GLY A 33 17.87 3.52 -7.77
C GLY A 33 18.16 2.04 -7.87
N ALA A 34 17.93 1.29 -6.77
CA ALA A 34 18.18 -0.14 -6.82
C ALA A 34 17.23 -0.85 -7.79
N VAL A 35 15.94 -0.50 -7.78
CA VAL A 35 15.00 -1.09 -8.73
C VAL A 35 15.46 -0.82 -10.15
N GLU A 36 15.94 0.40 -10.41
CA GLU A 36 16.28 0.77 -11.77
C GLU A 36 17.56 0.08 -12.26
N LYS A 37 18.26 -0.65 -11.41
CA LYS A 37 19.35 -1.49 -11.89
C LYS A 37 18.85 -2.63 -12.77
N GLY A 38 17.56 -2.95 -12.70
CA GLY A 38 16.97 -3.91 -13.60
C GLY A 38 16.87 -5.32 -13.08
N GLU A 39 17.50 -5.64 -11.96
CA GLU A 39 17.42 -6.98 -11.38
C GLU A 39 16.20 -7.11 -10.48
N GLU A 40 15.74 -8.34 -10.33
CA GLU A 40 14.65 -8.61 -9.39
C GLU A 40 15.09 -8.27 -7.97
N LEU A 41 14.11 -8.06 -7.10
CA LEU A 41 14.33 -7.73 -5.70
CA LEU A 41 14.32 -7.73 -5.70
C LEU A 41 14.11 -8.97 -4.83
N SER A 42 14.97 -9.14 -3.85
CA SER A 42 14.77 -10.18 -2.86
C SER A 42 13.63 -9.81 -1.90
N CSO A 43 13.26 -10.72 -1.03
CA CSO A 43 12.20 -10.45 -0.07
CB CSO A 43 11.95 -11.72 0.76
SG CSO A 43 10.67 -11.46 2.00
C CSO A 43 12.54 -9.23 0.81
O CSO A 43 11.72 -8.30 0.97
OD CSO A 43 11.44 -10.91 3.51
N GLU A 44 13.75 -9.20 1.35
CA GLU A 44 14.19 -8.10 2.19
C GLU A 44 14.19 -6.78 1.41
N GLU A 45 14.63 -6.84 0.15
CA GLU A 45 14.67 -5.63 -0.66
C GLU A 45 13.28 -5.12 -0.99
N ARG A 46 12.34 -6.03 -1.27
CA ARG A 46 10.96 -5.60 -1.49
C ARG A 46 10.42 -4.89 -0.27
N ASN A 47 10.71 -5.41 0.91
CA ASN A 47 10.23 -4.76 2.11
C ASN A 47 10.87 -3.39 2.31
N LEU A 48 12.14 -3.22 1.93
CA LEU A 48 12.75 -1.89 2.04
C LEU A 48 12.07 -0.90 1.10
N LEU A 49 11.78 -1.34 -0.13
CA LEU A 49 11.06 -0.49 -1.07
C LEU A 49 9.71 -0.06 -0.50
N SER A 50 8.97 -1.01 0.08
CA SER A 50 7.64 -0.71 0.60
C SER A 50 7.71 0.22 1.80
N VAL A 51 8.61 -0.06 2.75
CA VAL A 51 8.74 0.80 3.93
C VAL A 51 9.08 2.23 3.53
N ALA A 52 9.99 2.39 2.58
CA ALA A 52 10.42 3.73 2.18
C ALA A 52 9.25 4.54 1.64
N TYR A 53 8.56 4.00 0.63
CA TYR A 53 7.50 4.77 0.00
C TYR A 53 6.28 4.89 0.89
N LYS A 54 6.03 3.89 1.75
CA LYS A 54 4.89 3.98 2.67
C LYS A 54 5.06 5.17 3.59
N ASN A 55 6.27 5.38 4.10
CA ASN A 55 6.52 6.51 4.99
C ASN A 55 6.44 7.82 4.23
N VAL A 56 6.98 7.89 3.02
CA VAL A 56 6.91 9.14 2.26
C VAL A 56 5.46 9.49 1.96
N VAL A 57 4.71 8.56 1.35
CA VAL A 57 3.33 8.89 1.00
CA VAL A 57 3.32 8.87 1.00
C VAL A 57 2.48 9.03 2.25
N GLY A 58 2.83 8.36 3.35
CA GLY A 58 2.05 8.49 4.56
C GLY A 58 2.10 9.89 5.11
N GLY A 59 3.27 10.53 5.07
CA GLY A 59 3.35 11.92 5.47
C GLY A 59 2.57 12.83 4.56
N GLN A 60 2.61 12.57 3.25
CA GLN A 60 1.86 13.39 2.32
C GLN A 60 0.36 13.26 2.54
N ARG A 61 -0.12 12.02 2.75
CA ARG A 61 -1.54 11.79 2.99
C ARG A 61 -2.00 12.49 4.25
N ALA A 62 -1.21 12.41 5.32
CA ALA A 62 -1.57 13.08 6.56
C ALA A 62 -1.67 14.58 6.35
N ALA A 63 -0.70 15.16 5.62
CA ALA A 63 -0.73 16.59 5.36
C ALA A 63 -1.92 16.98 4.49
N TRP A 64 -2.19 16.19 3.45
CA TRP A 64 -3.32 16.45 2.58
C TRP A 64 -4.63 16.44 3.36
N ARG A 65 -4.76 15.51 4.31
CA ARG A 65 -5.99 15.46 5.10
C ARG A 65 -6.15 16.69 5.98
N VAL A 66 -5.07 17.16 6.59
CA VAL A 66 -5.12 18.38 7.39
C VAL A 66 -5.57 19.55 6.52
N LEU A 67 -4.97 19.68 5.33
CA LEU A 67 -5.27 20.82 4.48
C LEU A 67 -6.67 20.72 3.88
N SER A 68 -7.09 19.52 3.49
CA SER A 68 -8.44 19.33 2.96
CA SER A 68 -8.44 19.33 2.96
C SER A 68 -9.50 19.69 4.00
N SER A 69 -9.25 19.34 5.27
CA SER A 69 -10.19 19.68 6.32
C SER A 69 -10.28 21.19 6.53
N ILE A 70 -9.14 21.88 6.53
CA ILE A 70 -9.15 23.33 6.63
C ILE A 70 -9.89 23.94 5.45
N GLU A 71 -9.65 23.40 4.25
CA GLU A 71 -10.30 23.90 3.05
C GLU A 71 -11.80 23.72 3.12
N GLN A 72 -12.26 22.56 3.61
CA GLN A 72 -13.69 22.29 3.66
C GLN A 72 -14.37 23.21 4.67
N LYS A 73 -13.74 23.45 5.82
CA LYS A 73 -14.28 24.40 6.78
C LYS A 73 -14.36 25.80 6.20
N SER A 74 -13.33 26.20 5.44
CA SER A 74 -13.31 27.53 4.82
C SER A 74 -14.44 27.71 3.81
N ASN A 75 -15.16 26.66 3.46
CA ASN A 75 -16.28 26.73 2.52
C ASN A 75 -17.61 26.40 3.19
N GLU A 76 -17.72 26.67 4.49
CA GLU A 76 -18.95 26.43 5.22
C GLU A 76 -19.79 27.69 5.32
N SER A 79 -18.63 31.62 6.61
CA SER A 79 -17.17 31.60 6.69
C SER A 79 -16.57 32.79 5.94
N GLU A 80 -15.42 33.26 6.43
CA GLU A 80 -14.74 34.39 5.81
C GLU A 80 -13.89 33.92 4.63
N GLU A 81 -14.00 34.64 3.52
CA GLU A 81 -13.17 34.36 2.35
C GLU A 81 -11.72 34.71 2.67
N LYS A 82 -10.84 33.71 2.71
CA LYS A 82 -9.45 33.91 3.04
C LYS A 82 -8.54 33.94 1.81
N GLY A 83 -9.12 33.93 0.61
CA GLY A 83 -8.34 33.95 -0.61
C GLY A 83 -8.05 32.55 -1.12
N PRO A 84 -7.21 32.46 -2.15
CA PRO A 84 -6.95 31.17 -2.80
C PRO A 84 -5.91 30.31 -2.09
N GLU A 85 -5.32 30.75 -0.99
CA GLU A 85 -4.08 30.14 -0.51
C GLU A 85 -4.29 28.72 0.00
N VAL A 86 -5.40 28.46 0.72
CA VAL A 86 -5.63 27.11 1.24
C VAL A 86 -5.76 26.12 0.09
N ARG A 87 -6.57 26.46 -0.90
CA ARG A 87 -6.72 25.60 -2.08
C ARG A 87 -5.39 25.41 -2.79
N GLU A 88 -4.65 26.50 -3.00
CA GLU A 88 -3.38 26.41 -3.72
C GLU A 88 -2.43 25.46 -3.01
N TYR A 89 -2.33 25.58 -1.69
CA TYR A 89 -1.37 24.75 -0.97
C TYR A 89 -1.84 23.31 -0.87
N ARG A 90 -3.15 23.08 -0.66
CA ARG A 90 -3.67 21.71 -0.74
C ARG A 90 -3.38 21.09 -2.10
N GLU A 91 -3.55 21.88 -3.17
CA GLU A 91 -3.25 21.40 -4.52
C GLU A 91 -1.77 21.07 -4.67
N LYS A 92 -0.89 21.88 -4.07
CA LYS A 92 0.54 21.61 -4.15
C LYS A 92 0.88 20.28 -3.51
N VAL A 93 0.37 20.05 -2.30
CA VAL A 93 0.64 18.78 -1.62
C VAL A 93 0.02 17.63 -2.40
N GLU A 94 -1.19 17.82 -2.91
CA GLU A 94 -1.87 16.79 -3.69
C GLU A 94 -1.06 16.40 -4.92
N THR A 95 -0.53 17.38 -5.64
CA THR A 95 0.25 17.09 -6.83
CA THR A 95 0.25 17.08 -6.84
C THR A 95 1.52 16.31 -6.47
N GLU A 96 2.15 16.68 -5.35
CA GLU A 96 3.36 15.98 -4.92
C GLU A 96 3.04 14.54 -4.54
N LEU A 97 1.93 14.35 -3.82
CA LEU A 97 1.47 13.01 -3.48
CA LEU A 97 1.46 13.01 -3.49
C LEU A 97 1.19 12.18 -4.74
N GLN A 98 0.47 12.76 -5.71
CA GLN A 98 0.22 12.05 -6.95
C GLN A 98 1.52 11.69 -7.65
N GLY A 99 2.51 12.57 -7.57
CA GLY A 99 3.80 12.28 -8.20
C GLY A 99 4.49 11.09 -7.57
N VAL A 100 4.42 10.97 -6.25
CA VAL A 100 5.04 9.83 -5.59
C VAL A 100 4.30 8.55 -5.96
N CYS A 101 2.96 8.58 -5.97
CA CYS A 101 2.20 7.40 -6.36
C CYS A 101 2.54 6.99 -7.80
N ASP A 102 2.61 7.97 -8.71
CA ASP A 102 2.97 7.68 -10.09
C ASP A 102 4.37 7.08 -10.18
N THR A 103 5.30 7.55 -9.35
CA THR A 103 6.64 6.98 -9.35
C THR A 103 6.61 5.51 -8.95
N VAL A 104 5.90 5.20 -7.87
CA VAL A 104 5.82 3.82 -7.41
C VAL A 104 5.16 2.95 -8.46
N LEU A 105 4.02 3.41 -8.99
CA LEU A 105 3.32 2.65 -10.02
C LEU A 105 4.22 2.44 -11.24
N GLY A 106 5.04 3.44 -11.57
CA GLY A 106 5.94 3.28 -12.70
C GLY A 106 7.00 2.22 -12.46
N LEU A 107 7.54 2.15 -11.23
CA LEU A 107 8.50 1.11 -10.92
C LEU A 107 7.86 -0.27 -11.00
N LEU A 108 6.61 -0.39 -10.54
CA LEU A 108 5.95 -1.69 -10.61
C LEU A 108 5.70 -2.09 -12.05
N ASP A 109 5.41 -1.11 -12.91
CA ASP A 109 5.16 -1.37 -14.32
C ASP A 109 6.44 -1.49 -15.15
N SER A 110 7.61 -1.14 -14.59
CA SER A 110 8.85 -1.10 -15.37
C SER A 110 10.03 -1.50 -14.47
N HIS A 111 10.17 -2.80 -14.19
CA HIS A 111 9.38 -3.88 -14.76
C HIS A 111 9.15 -4.94 -13.67
N LEU A 112 8.90 -4.48 -12.44
CA LEU A 112 8.85 -5.40 -11.31
C LEU A 112 7.77 -6.47 -11.46
N ILE A 113 6.55 -6.07 -11.81
CA ILE A 113 5.46 -7.05 -11.86
C ILE A 113 5.68 -8.06 -12.97
N LYS A 114 6.09 -7.59 -14.14
CA LYS A 114 6.21 -8.50 -15.26
C LYS A 114 7.26 -9.57 -15.03
N GLU A 115 8.31 -9.27 -14.25
CA GLU A 115 9.35 -10.26 -14.00
C GLU A 115 9.06 -11.10 -12.78
N ALA A 116 8.00 -10.79 -12.03
CA ALA A 116 7.70 -11.47 -10.77
C ALA A 116 6.89 -12.73 -11.08
N GLY A 117 7.51 -13.89 -10.91
CA GLY A 117 6.86 -15.15 -11.21
C GLY A 117 6.47 -15.94 -9.97
N ASP A 118 7.18 -15.77 -8.87
CA ASP A 118 6.81 -16.47 -7.66
C ASP A 118 5.64 -15.78 -6.98
N ALA A 119 4.81 -16.55 -6.29
CA ALA A 119 3.62 -15.98 -5.66
C ALA A 119 3.98 -14.89 -4.65
N GLU A 120 5.04 -15.10 -3.86
CA GLU A 120 5.36 -14.13 -2.81
C GLU A 120 5.74 -12.78 -3.41
N SER A 121 6.48 -12.78 -4.52
CA SER A 121 6.83 -11.51 -5.16
C SER A 121 5.66 -10.92 -5.91
N ARG A 122 4.94 -11.72 -6.71
CA ARG A 122 3.86 -11.18 -7.53
C ARG A 122 2.72 -10.63 -6.69
N VAL A 123 2.30 -11.37 -5.65
CA VAL A 123 1.25 -10.87 -4.76
C VAL A 123 1.70 -9.59 -4.06
N PHE A 124 2.95 -9.54 -3.59
CA PHE A 124 3.47 -8.33 -2.94
C PHE A 124 3.34 -7.12 -3.86
N TYR A 125 3.77 -7.26 -5.13
CA TYR A 125 3.82 -6.11 -6.01
C TYR A 125 2.45 -5.71 -6.40
CA LEU A 126 -0.08 -6.39 -7.19
C LEU A 126 -0.69 -5.74 -5.97
N LYS A 127 -0.37 -6.17 -4.73
CA LYS A 127 -0.90 -5.48 -3.55
C LYS A 127 -0.42 -4.04 -3.51
N MET A 128 0.88 -3.83 -3.75
CA MET A 128 1.41 -2.46 -3.78
CA MET A 128 1.40 -2.46 -3.77
C MET A 128 0.72 -1.63 -4.86
N LYS A 129 0.49 -2.23 -6.03
CA LYS A 129 -0.20 -1.52 -7.10
C LYS A 129 -1.61 -1.13 -6.65
N GLY A 130 -2.33 -2.04 -6.00
CA GLY A 130 -3.62 -1.68 -5.44
C GLY A 130 -3.54 -0.55 -4.43
N ASP A 131 -2.55 -0.62 -3.54
CA ASP A 131 -2.41 0.40 -2.49
C ASP A 131 -2.18 1.78 -3.09
N TYR A 132 -1.28 1.88 -4.08
CA TYR A 132 -0.95 3.22 -4.56
C TYR A 132 -2.02 3.78 -5.49
N TYR A 133 -2.77 2.92 -6.21
CA TYR A 133 -3.98 3.42 -6.85
C TYR A 133 -5.02 3.83 -5.81
N ARG A 134 -5.08 3.12 -4.68
CA ARG A 134 -6.00 3.52 -3.62
C ARG A 134 -5.63 4.90 -3.07
N TYR A 135 -4.33 5.17 -2.88
CA TYR A 135 -3.94 6.50 -2.42
C TYR A 135 -4.28 7.57 -3.46
N LEU A 136 -4.13 7.25 -4.76
CA LEU A 136 -4.60 8.18 -5.78
C LEU A 136 -6.11 8.38 -5.69
N ALA A 137 -6.87 7.33 -5.40
CA ALA A 137 -8.32 7.44 -5.31
C ALA A 137 -8.75 8.35 -4.17
N GLU A 138 -7.98 8.36 -3.07
CA GLU A 138 -8.34 9.17 -1.90
C GLU A 138 -8.43 10.65 -2.25
N VAL A 139 -7.66 11.10 -3.24
CA VAL A 139 -7.63 12.53 -3.60
C VAL A 139 -8.28 12.81 -4.94
N ALA A 140 -8.80 11.78 -5.61
CA ALA A 140 -9.40 11.97 -6.92
C ALA A 140 -10.85 12.39 -6.80
N THR A 141 -11.32 13.11 -7.80
CA THR A 141 -12.74 13.44 -7.92
C THR A 141 -13.27 12.89 -9.22
N GLY A 142 -14.60 12.91 -9.35
CA GLY A 142 -15.35 12.30 -10.44
C GLY A 142 -14.72 12.15 -11.81
N ASP A 143 -15.04 11.02 -12.47
CA ASP A 143 -14.70 10.70 -13.85
C ASP A 143 -13.23 10.32 -14.04
N ASP A 144 -12.34 10.84 -13.19
CA ASP A 144 -11.06 10.21 -13.00
C ASP A 144 -11.07 9.24 -11.83
N LYS A 145 -11.86 9.55 -10.81
CA LYS A 145 -11.92 8.71 -9.63
C LYS A 145 -12.41 7.30 -9.98
N LYS A 146 -13.40 7.21 -10.87
CA LYS A 146 -13.95 5.90 -11.22
C LYS A 146 -12.88 5.01 -11.85
N ARG A 147 -12.07 5.55 -12.77
CA ARG A 147 -11.08 4.72 -13.44
C ARG A 147 -9.97 4.33 -12.47
N ILE A 148 -9.59 5.26 -11.59
CA ILE A 148 -8.56 4.97 -10.59
C ILE A 148 -9.04 3.88 -9.64
N ILE A 149 -10.30 3.97 -9.21
CA ILE A 149 -10.88 2.95 -8.33
C ILE A 149 -10.87 1.59 -9.00
N ASP A 150 -11.23 1.53 -10.29
CA ASP A 150 -11.23 0.24 -10.95
CA ASP A 150 -11.23 0.25 -11.00
C ASP A 150 -9.81 -0.31 -11.11
N SER A 151 -8.82 0.55 -11.31
CA SER A 151 -7.45 0.09 -11.38
C SER A 151 -6.99 -0.51 -10.06
N ALA A 152 -7.32 0.15 -8.95
CA ALA A 152 -7.02 -0.42 -7.64
C ALA A 152 -7.71 -1.77 -7.46
N ARG A 153 -9.01 -1.81 -7.74
CA ARG A 153 -9.75 -3.06 -7.59
CA ARG A 153 -9.75 -3.06 -7.59
C ARG A 153 -9.14 -4.19 -8.41
N SER A 154 -8.77 -3.89 -9.66
CA SER A 154 -8.23 -4.92 -10.54
CA SER A 154 -8.23 -4.92 -10.54
C SER A 154 -6.91 -5.48 -10.01
N ALA A 155 -6.04 -4.60 -9.52
CA ALA A 155 -4.77 -5.07 -8.98
C ALA A 155 -4.98 -5.93 -7.73
N TYR A 156 -5.84 -5.46 -6.81
CA TYR A 156 -6.13 -6.23 -5.61
C TYR A 156 -6.76 -7.58 -5.96
N GLN A 157 -7.66 -7.60 -6.94
CA GLN A 157 -8.34 -8.84 -7.30
C GLN A 157 -7.36 -9.86 -7.88
N GLU A 158 -6.45 -9.42 -8.76
CA GLU A 158 -5.44 -10.36 -9.26
CA GLU A 158 -5.42 -10.33 -9.26
C GLU A 158 -4.57 -10.89 -8.13
N ALA A 159 -4.17 -10.02 -7.20
CA ALA A 159 -3.36 -10.46 -6.07
C ALA A 159 -4.13 -11.47 -5.22
N MET A 160 -5.43 -11.22 -5.00
CA MET A 160 -6.24 -12.14 -4.20
C MET A 160 -6.32 -13.50 -4.87
N ASP A 161 -6.57 -13.50 -6.18
CA ASP A 161 -6.72 -14.76 -6.91
C ASP A 161 -5.45 -15.61 -6.77
N ILE A 162 -4.29 -15.00 -6.94
CA ILE A 162 -3.03 -15.73 -6.80
C ILE A 162 -2.85 -16.21 -5.37
N SER A 163 -3.11 -15.33 -4.40
CA SER A 163 -2.82 -15.66 -3.01
CA SER A 163 -2.83 -15.66 -3.01
C SER A 163 -3.69 -16.81 -2.53
N LYS A 164 -4.94 -16.88 -2.99
CA LYS A 164 -5.82 -17.97 -2.56
C LYS A 164 -5.41 -19.29 -3.19
N LYS A 165 -4.82 -19.26 -4.38
CA LYS A 165 -4.37 -20.49 -5.02
C LYS A 165 -3.01 -20.95 -4.52
N GLU A 166 -2.12 -20.02 -4.15
CA GLU A 166 -0.72 -20.34 -3.97
C GLU A 166 -0.18 -20.19 -2.55
N MET A 167 -0.95 -19.61 -1.62
CA MET A 167 -0.45 -19.36 -0.27
C MET A 167 -1.42 -19.92 0.76
N PRO A 168 -0.91 -20.34 1.92
CA PRO A 168 -1.79 -20.76 3.01
C PRO A 168 -2.53 -19.56 3.57
N PRO A 169 -3.67 -19.78 4.23
CA PRO A 169 -4.48 -18.66 4.70
C PRO A 169 -3.83 -17.86 5.82
N THR A 170 -2.74 -18.34 6.43
CA THR A 170 -2.01 -17.59 7.44
C THR A 170 -0.82 -16.83 6.87
N ASN A 171 -0.53 -16.96 5.58
CA ASN A 171 0.62 -16.28 5.01
CA ASN A 171 0.62 -16.28 5.01
C ASN A 171 0.51 -14.77 5.25
N PRO A 172 1.53 -14.14 5.85
CA PRO A 172 1.39 -12.71 6.18
CA PRO A 172 1.39 -12.71 6.18
C PRO A 172 1.15 -11.82 4.97
N ILE A 173 1.73 -12.13 3.82
CA ILE A 173 1.45 -11.34 2.62
CA ILE A 173 1.45 -11.34 2.62
C ILE A 173 -0.02 -11.44 2.25
N ARG A 174 -0.55 -12.68 2.22
CA ARG A 174 -1.96 -12.91 1.95
C ARG A 174 -2.84 -12.17 2.94
N LEU A 175 -2.49 -12.22 4.23
CA LEU A 175 -3.29 -11.55 5.25
C LEU A 175 -3.28 -10.04 5.07
N GLY A 176 -2.09 -9.47 4.81
CA GLY A 176 -2.03 -8.03 4.64
C GLY A 176 -2.73 -7.54 3.39
N LEU A 177 -2.69 -8.33 2.32
CA LEU A 177 -3.45 -8.02 1.12
C LEU A 177 -4.95 -8.01 1.42
N ALA A 178 -5.45 -9.03 2.11
CA ALA A 178 -6.86 -9.07 2.44
C ALA A 178 -7.26 -7.89 3.34
N LEU A 179 -6.43 -7.57 4.32
CA LEU A 179 -6.66 -6.41 5.17
C LEU A 179 -6.82 -5.15 4.32
N ASN A 180 -5.88 -4.90 3.40
CA ASN A 180 -5.93 -3.66 2.64
C ASN A 180 -7.04 -3.65 1.60
N PHE A 181 -7.35 -4.80 0.98
CA PHE A 181 -8.48 -4.86 0.05
C PHE A 181 -9.79 -4.61 0.79
N SER A 182 -9.89 -5.10 2.03
CA SER A 182 -11.07 -4.83 2.84
CA SER A 182 -11.08 -4.82 2.83
C SER A 182 -11.17 -3.34 3.15
N VAL A 183 -10.04 -2.68 3.44
CA VAL A 183 -10.05 -1.23 3.64
C VAL A 183 -10.49 -0.51 2.37
N PHE A 184 -9.97 -0.96 1.21
CA PHE A 184 -10.43 -0.43 -0.08
C PHE A 184 -11.95 -0.50 -0.19
N HIS A 185 -12.53 -1.67 0.11
CA HIS A 185 -13.98 -1.81 0.01
C HIS A 185 -14.70 -0.82 0.94
N TYR A 186 -14.20 -0.66 2.16
CA TYR A 186 -14.91 0.15 3.15
C TYR A 186 -14.76 1.64 2.85
N GLU A 187 -13.53 2.08 2.56
CA GLU A 187 -13.21 3.51 2.52
C GLU A 187 -13.29 4.12 1.12
N ILE A 188 -13.10 3.33 0.07
CA ILE A 188 -13.00 3.82 -1.30
C ILE A 188 -14.23 3.41 -2.12
N ALA A 189 -14.59 2.13 -2.07
CA ALA A 189 -15.57 1.56 -2.99
C ALA A 189 -16.99 1.61 -2.45
N ASN A 190 -17.22 2.19 -1.27
CA ASN A 190 -18.57 2.32 -0.72
C ASN A 190 -19.24 0.95 -0.58
N SER A 191 -18.45 -0.05 -0.17
CA SER A 191 -18.93 -1.42 -0.03
CA SER A 191 -18.93 -1.42 -0.03
C SER A 191 -18.58 -1.95 1.36
N PRO A 192 -19.16 -1.37 2.42
CA PRO A 192 -18.82 -1.84 3.77
C PRO A 192 -19.18 -3.28 4.02
N GLU A 193 -20.26 -3.80 3.41
CA GLU A 193 -20.58 -5.21 3.64
C GLU A 193 -19.52 -6.13 3.04
N GLU A 194 -19.01 -5.81 1.85
CA GLU A 194 -17.93 -6.60 1.26
C GLU A 194 -16.68 -6.53 2.13
N ALA A 195 -16.39 -5.34 2.68
CA ALA A 195 -15.24 -5.16 3.56
C ALA A 195 -15.35 -6.05 4.79
N ILE A 196 -16.52 -6.06 5.42
CA ILE A 196 -16.73 -6.86 6.62
C ILE A 196 -16.66 -8.35 6.30
N SER A 197 -17.32 -8.78 5.20
CA SER A 197 -17.29 -10.19 4.82
CA SER A 197 -17.29 -10.19 4.84
C SER A 197 -15.87 -10.66 4.57
N LEU A 198 -15.10 -9.86 3.84
CA LEU A 198 -13.74 -10.21 3.52
C LEU A 198 -12.89 -10.31 4.78
N ALA A 199 -12.99 -9.32 5.66
CA ALA A 199 -12.19 -9.35 6.88
C ALA A 199 -12.56 -10.55 7.75
N LYS A 200 -13.85 -10.85 7.85
CA LYS A 200 -14.27 -11.96 8.70
C LYS A 200 -13.83 -13.31 8.14
N THR A 201 -14.08 -13.55 6.85
CA THR A 201 -13.65 -14.82 6.25
CA THR A 201 -13.65 -14.83 6.28
C THR A 201 -12.13 -14.98 6.31
N THR A 202 -11.39 -13.90 6.06
CA THR A 202 -9.94 -13.97 6.16
C THR A 202 -9.51 -14.35 7.57
N PHE A 203 -10.11 -13.68 8.57
CA PHE A 203 -9.76 -13.95 9.96
C PHE A 203 -10.06 -15.41 10.33
N ASP A 204 -11.24 -15.88 9.99
CA ASP A 204 -11.67 -17.21 10.40
C ASP A 204 -10.84 -18.30 9.72
N GLU A 205 -10.50 -18.11 8.45
CA GLU A 205 -9.70 -19.12 7.75
C GLU A 205 -8.26 -19.12 8.25
N ALA A 206 -7.75 -17.97 8.66
CA ALA A 206 -6.42 -17.95 9.27
C ALA A 206 -6.44 -18.64 10.63
N MET A 207 -7.47 -18.36 11.44
CA MET A 207 -7.57 -18.97 12.76
C MET A 207 -7.46 -20.49 12.66
N ALA A 208 -8.14 -21.08 11.69
CA ALA A 208 -8.18 -22.52 11.54
C ALA A 208 -6.86 -23.11 11.06
N ASP A 209 -5.92 -22.28 10.60
CA ASP A 209 -4.63 -22.73 10.09
C ASP A 209 -3.49 -22.42 11.06
N LEU A 210 -3.76 -21.72 12.16
CA LEU A 210 -2.70 -21.34 13.11
C LEU A 210 -2.00 -22.57 13.69
N HIS A 211 -2.70 -23.70 13.81
CA HIS A 211 -2.10 -24.87 14.44
C HIS A 211 -0.90 -25.41 13.67
N THR A 212 -0.76 -25.02 12.40
CA THR A 212 0.33 -25.50 11.56
C THR A 212 1.62 -24.72 11.73
N LEU A 213 1.60 -23.61 12.48
CA LEU A 213 2.67 -22.64 12.48
C LEU A 213 3.61 -22.82 13.66
N SER A 214 4.88 -22.49 13.42
CA SER A 214 5.87 -22.33 14.48
C SER A 214 5.53 -21.11 15.34
N GLU A 215 6.26 -20.96 16.45
CA GLU A 215 6.03 -19.80 17.31
C GLU A 215 6.25 -18.50 16.54
N ASP A 216 7.31 -18.42 15.75
CA ASP A 216 7.61 -17.16 15.09
C ASP A 216 6.58 -16.84 14.01
N SER A 217 6.18 -17.86 13.24
CA SER A 217 5.16 -17.64 12.21
C SER A 217 3.81 -17.31 12.85
N TYR A 218 3.53 -17.96 13.98
CA TYR A 218 2.30 -17.69 14.72
CA TYR A 218 2.30 -17.69 14.72
C TYR A 218 2.23 -16.22 15.12
N LYS A 219 3.35 -15.68 15.64
CA LYS A 219 3.39 -14.27 16.02
C LYS A 219 3.17 -13.38 14.80
N ASP A 220 3.81 -13.71 13.67
CA ASP A 220 3.67 -12.91 12.46
C ASP A 220 2.22 -12.87 11.98
N SER A 221 1.54 -14.02 12.00
CA SER A 221 0.18 -14.09 11.47
C SER A 221 -0.82 -13.46 12.42
N THR A 222 -0.68 -13.72 13.72
CA THR A 222 -1.69 -13.19 14.64
C THR A 222 -1.60 -11.68 14.74
N LEU A 223 -0.42 -11.10 14.52
CA LEU A 223 -0.33 -9.64 14.51
C LEU A 223 -1.26 -9.04 13.46
N ILE A 224 -1.26 -9.60 12.26
CA ILE A 224 -2.12 -9.05 11.21
C ILE A 224 -3.57 -9.44 11.44
N MET A 225 -3.83 -10.63 11.98
CA MET A 225 -5.21 -10.98 12.33
C MET A 225 -5.80 -9.98 13.32
N GLN A 226 -4.99 -9.49 14.26
CA GLN A 226 -5.47 -8.50 15.21
C GLN A 226 -5.90 -7.23 14.49
N LEU A 227 -5.19 -6.84 13.43
CA LEU A 227 -5.61 -5.70 12.64
C LEU A 227 -6.96 -5.93 11.97
N LEU A 228 -7.18 -7.14 11.43
CA LEU A 228 -8.49 -7.47 10.88
C LEU A 228 -9.57 -7.37 11.94
N ARG A 229 -9.30 -7.94 13.12
N ARG A 229 -9.30 -7.91 13.13
CA ARG A 229 -10.24 -7.85 14.23
CA ARG A 229 -10.26 -7.85 14.22
C ARG A 229 -10.51 -6.41 14.62
C ARG A 229 -10.52 -6.41 14.66
N ASP A 230 -9.46 -5.60 14.68
CA ASP A 230 -9.63 -4.19 15.05
C ASP A 230 -10.58 -3.48 14.10
N ASN A 231 -10.44 -3.74 12.79
CA ASN A 231 -11.34 -3.12 11.83
C ASN A 231 -12.76 -3.66 11.97
N LEU A 232 -12.90 -4.97 12.18
CA LEU A 232 -14.24 -5.52 12.35
C LEU A 232 -14.92 -4.91 13.57
N THR A 233 -14.15 -4.70 14.64
CA THR A 233 -14.70 -4.05 15.83
C THR A 233 -15.19 -2.63 15.52
N LEU A 234 -14.44 -1.89 14.71
CA LEU A 234 -14.85 -0.54 14.37
C LEU A 234 -16.04 -0.52 13.42
N TRP A 235 -16.17 -1.54 12.56
CA TRP A 235 -17.16 -1.53 11.49
C TRP A 235 -18.48 -2.21 11.86
N THR A 236 -18.50 -3.01 12.91
CA THR A 236 -19.70 -3.77 13.24
C THR A 236 -20.22 -3.46 14.65
N GLU B 2 -5.46 5.65 10.14
CA GLU B 2 -5.82 4.73 9.06
C GLU B 2 -5.81 3.28 9.54
N HIS B 3 -6.49 2.41 8.81
CA HIS B 3 -6.77 1.04 9.27
C HIS B 3 -6.12 -0.04 8.41
N SEP B 4 -5.21 0.37 7.53
CA SEP B 4 -4.51 -0.56 6.65
CB SEP B 4 -4.14 0.17 5.36
OG SEP B 4 -3.32 1.25 5.75
C SEP B 4 -3.25 -1.13 7.32
O SEP B 4 -2.92 -0.78 8.45
P SEP B 4 -2.99 2.31 4.59
O1P SEP B 4 -1.91 3.29 5.24
O2P SEP B 4 -4.32 3.09 4.24
O3P SEP B 4 -2.41 1.52 3.34
N LEU B 5 -2.55 -2.00 6.59
CA LEU B 5 -1.35 -2.66 7.09
C LEU B 5 -0.26 -1.65 7.42
MG MG C . -16.85 -13.97 2.59
MG MG D . -25.40 -5.84 6.07
MG MG E . -5.61 18.36 -8.08
MG MG F . 27.72 -2.94 -10.31
CL CL G . 1.32 26.71 -2.60
#